data_5PH5
#
_entry.id   5PH5
#
_cell.length_a   71.389
_cell.length_b   71.389
_cell.length_c   150.006
_cell.angle_alpha   90.000
_cell.angle_beta   90.000
_cell.angle_gamma   90.000
#
_symmetry.space_group_name_H-M   'P 43 21 2'
#
loop_
_entity.id
_entity.type
_entity.pdbx_description
1 polymer 'Lysine-specific demethylase 4D'
2 non-polymer 'ZINC ION'
3 non-polymer 'NICKEL (II) ION'
4 non-polymer N-OXALYLGLYCINE
5 non-polymer 1,2-ETHANEDIOL
6 non-polymer 'SULFATE ION'
7 non-polymer 4-bromo-1H-imidazole
8 water water
#
_entity_poly.entity_id   1
_entity_poly.type   'polypeptide(L)'
_entity_poly.pdbx_seq_one_letter_code
;MHHHHHHSSGVDLGTENLYFQSMETMKSKANCAQNPNCNIMIFHPTKEEFNDFDKYIAYMESQGAHRAGLAKIIPPKEWK
ARETYDNISEILIATPLQQVASGRAGVFTQYHKKKKAMTVGEYRHLANSKKYQTPPHQNFEDLERKYWKNRIYNSPIYGA
DISGSLFDENTKQWNLGHLGTIQDLLEKECGVVIEGVNTPYLYFGMWKTTFAWHTEDMDLYSINYLHLGEPKTWYVVPPE
HGQRLERLARELFPGSSRGCGAFLRHKVALISPTVLKENGIPFNRITQEAGEFMVTFPYGYHAGFNHGFNCAEAINFATP
RWIDYGKMASQCSCGEARVTFSMDAFVRILQPERYDLWKRGQDR
;
_entity_poly.pdbx_strand_id   A
#
loop_
_chem_comp.id
_chem_comp.type
_chem_comp.name
_chem_comp.formula
EDO non-polymer 1,2-ETHANEDIOL 'C2 H6 O2'
ES3 non-polymer 4-bromo-1H-imidazole 'C3 H3 Br N2'
NI non-polymer 'NICKEL (II) ION' 'Ni 2'
OGA non-polymer N-OXALYLGLYCINE 'C4 H5 N O5'
SO4 non-polymer 'SULFATE ION' 'O4 S -2'
ZN non-polymer 'ZINC ION' 'Zn 2'
#
# COMPACT_ATOMS: atom_id res chain seq x y z
N ALA A 33 -20.08 1.02 20.06
CA ALA A 33 -18.91 1.14 19.19
C ALA A 33 -19.30 1.39 17.74
N GLN A 34 -18.62 2.33 17.11
CA GLN A 34 -18.91 2.71 15.74
C GLN A 34 -18.39 1.67 14.75
N ASN A 35 -19.16 1.45 13.69
CA ASN A 35 -18.79 0.52 12.61
C ASN A 35 -18.40 -0.89 13.11
N PRO A 36 -19.29 -1.53 13.89
CA PRO A 36 -18.90 -2.82 14.48
C PRO A 36 -18.69 -3.95 13.47
N ASN A 37 -19.33 -3.87 12.30
CA ASN A 37 -19.13 -4.88 11.26
C ASN A 37 -17.87 -4.62 10.45
N CYS A 38 -17.15 -3.52 10.75
CA CYS A 38 -15.86 -3.23 10.10
C CYS A 38 -15.99 -3.03 8.59
N ASN A 39 -17.06 -2.36 8.17
CA ASN A 39 -17.25 -2.03 6.78
C ASN A 39 -16.31 -0.93 6.32
N ILE A 40 -15.89 -0.99 5.06
CA ILE A 40 -15.14 0.11 4.46
C ILE A 40 -16.06 1.32 4.31
N MET A 41 -15.68 2.43 4.93
CA MET A 41 -16.45 3.66 4.85
C MET A 41 -15.92 4.59 3.78
N ILE A 42 -16.81 5.37 3.19
CA ILE A 42 -16.50 6.32 2.14
C ILE A 42 -16.87 7.71 2.64
N PHE A 43 -15.93 8.64 2.53
CA PHE A 43 -16.12 9.99 3.04
C PHE A 43 -16.11 11.03 1.93
N HIS A 44 -16.94 12.05 2.12
CA HIS A 44 -17.06 13.16 1.19
C HIS A 44 -16.83 14.49 1.89
N PRO A 45 -15.57 14.78 2.29
CA PRO A 45 -15.32 16.06 2.98
C PRO A 45 -15.65 17.27 2.13
N THR A 46 -16.15 18.31 2.80
CA THR A 46 -16.30 19.60 2.16
C THR A 46 -14.94 20.24 1.98
N LYS A 47 -14.86 21.31 1.21
CA LYS A 47 -13.58 21.99 1.05
C LYS A 47 -13.09 22.54 2.39
N GLU A 48 -14.00 22.96 3.26
CA GLU A 48 -13.62 23.43 4.58
C GLU A 48 -13.04 22.28 5.42
N GLU A 49 -13.67 21.11 5.32
CA GLU A 49 -13.21 19.96 6.07
C GLU A 49 -11.89 19.41 5.54
N PHE A 50 -11.52 19.82 4.32
CA PHE A 50 -10.35 19.27 3.64
C PHE A 50 -9.08 20.07 3.98
N ASN A 51 -9.21 21.08 4.83
CA ASN A 51 -8.07 21.92 5.17
C ASN A 51 -7.11 21.25 6.14
N ASP A 52 -7.68 20.67 7.20
CA ASP A 52 -6.91 20.12 8.30
C ASP A 52 -6.86 18.61 8.17
N PHE A 53 -5.75 18.11 7.65
CA PHE A 53 -5.60 16.68 7.40
C PHE A 53 -5.74 15.83 8.67
N ASP A 54 -4.95 16.15 9.69
N ASP A 54 -4.99 16.16 9.70
CA ASP A 54 -4.98 15.39 10.95
CA ASP A 54 -4.99 15.36 10.91
C ASP A 54 -6.38 15.34 11.54
C ASP A 54 -6.35 15.35 11.60
N LYS A 55 -7.06 16.48 11.53
CA LYS A 55 -8.39 16.58 12.11
C LYS A 55 -9.36 15.66 11.38
N TYR A 56 -9.24 15.59 10.05
CA TYR A 56 -10.18 14.75 9.33
C TYR A 56 -9.89 13.25 9.54
N ILE A 57 -8.61 12.87 9.64
CA ILE A 57 -8.31 11.47 9.97
C ILE A 57 -8.94 11.13 11.32
N ALA A 58 -8.78 12.02 12.30
CA ALA A 58 -9.36 11.78 13.63
C ALA A 58 -10.90 11.69 13.53
N TYR A 59 -11.50 12.54 12.70
CA TYR A 59 -12.94 12.47 12.49
C TYR A 59 -13.37 11.11 11.90
N MET A 60 -12.66 10.66 10.87
N MET A 60 -12.67 10.65 10.85
CA MET A 60 -13.00 9.36 10.27
CA MET A 60 -13.00 9.35 10.27
C MET A 60 -12.93 8.25 11.31
C MET A 60 -12.96 8.26 11.34
N GLU A 61 -11.94 8.30 12.19
CA GLU A 61 -11.81 7.29 13.23
C GLU A 61 -12.93 7.41 14.27
N SER A 62 -13.37 8.63 14.56
CA SER A 62 -14.49 8.82 15.48
C SER A 62 -15.75 8.14 14.96
N GLN A 63 -15.80 7.95 13.64
CA GLN A 63 -16.94 7.29 13.00
C GLN A 63 -16.69 5.79 12.79
N GLY A 64 -15.55 5.30 13.29
CA GLY A 64 -15.24 3.89 13.20
C GLY A 64 -14.55 3.44 11.92
N ALA A 65 -14.07 4.39 11.12
CA ALA A 65 -13.50 4.02 9.82
C ALA A 65 -12.35 3.04 9.93
N HIS A 66 -11.51 3.23 10.95
CA HIS A 66 -10.32 2.40 11.09
C HIS A 66 -10.62 0.92 11.32
N ARG A 67 -11.81 0.60 11.80
CA ARG A 67 -12.12 -0.80 12.08
C ARG A 67 -12.09 -1.65 10.81
N ALA A 68 -12.35 -1.04 9.66
CA ALA A 68 -12.26 -1.76 8.38
C ALA A 68 -10.83 -2.04 7.95
N GLY A 69 -9.89 -1.18 8.36
CA GLY A 69 -8.52 -1.26 7.87
C GLY A 69 -8.26 -0.35 6.68
N LEU A 70 -9.33 0.14 6.05
CA LEU A 70 -9.24 0.89 4.80
C LEU A 70 -10.42 1.82 4.71
N ALA A 71 -10.21 3.07 4.27
CA ALA A 71 -11.30 4.01 3.98
C ALA A 71 -11.06 4.68 2.64
N LYS A 72 -12.13 5.07 1.98
CA LYS A 72 -12.06 5.89 0.78
C LYS A 72 -12.44 7.33 1.11
N ILE A 73 -11.67 8.28 0.57
CA ILE A 73 -11.98 9.70 0.72
C ILE A 73 -12.10 10.33 -0.67
N ILE A 74 -13.28 10.84 -0.97
CA ILE A 74 -13.51 11.50 -2.24
C ILE A 74 -13.33 13.01 -2.01
N PRO A 75 -12.37 13.64 -2.70
CA PRO A 75 -12.11 15.06 -2.45
C PRO A 75 -13.28 15.93 -2.86
N PRO A 76 -13.42 17.11 -2.24
CA PRO A 76 -14.48 18.02 -2.67
C PRO A 76 -14.29 18.43 -4.14
N LYS A 77 -15.39 18.79 -4.78
CA LYS A 77 -15.38 19.06 -6.22
C LYS A 77 -14.47 20.23 -6.59
N GLU A 78 -14.19 21.10 -5.62
CA GLU A 78 -13.37 22.28 -5.88
C GLU A 78 -11.87 21.97 -5.88
N TRP A 79 -11.50 20.76 -5.49
CA TRP A 79 -10.10 20.41 -5.29
C TRP A 79 -9.48 19.74 -6.51
N LYS A 80 -8.19 19.99 -6.71
CA LYS A 80 -7.43 19.20 -7.69
C LYS A 80 -5.99 18.99 -7.23
N ALA A 81 -5.42 17.87 -7.66
CA ALA A 81 -4.06 17.54 -7.28
C ALA A 81 -3.04 18.38 -8.05
N ARG A 82 -3.33 18.60 -9.33
CA ARG A 82 -2.49 19.40 -10.20
C ARG A 82 -3.33 19.79 -11.41
N GLU A 83 -2.81 20.69 -12.23
CA GLU A 83 -3.56 21.21 -13.37
CA GLU A 83 -3.60 21.20 -13.35
C GLU A 83 -3.84 20.13 -14.42
N THR A 84 -2.78 19.51 -14.92
CA THR A 84 -2.94 18.45 -15.91
C THR A 84 -1.86 17.40 -15.70
N TYR A 85 -2.04 16.25 -16.34
CA TYR A 85 -1.03 15.22 -16.33
C TYR A 85 -0.37 15.13 -17.69
N ASP A 86 -0.47 16.20 -18.46
N ASP A 86 -0.28 16.28 -18.36
CA ASP A 86 -0.08 16.17 -19.85
CA ASP A 86 0.33 16.42 -19.68
C ASP A 86 1.43 16.12 -20.02
C ASP A 86 1.68 15.70 -19.89
N ASN A 87 2.16 16.27 -18.92
N ASN A 87 2.74 16.24 -19.29
CA ASN A 87 3.61 16.39 -19.02
CA ASN A 87 4.09 15.79 -19.59
C ASN A 87 4.39 15.41 -18.14
C ASN A 87 4.67 14.83 -18.56
N ILE A 88 3.93 14.16 -18.04
N ILE A 88 3.86 13.94 -18.01
CA ILE A 88 4.55 13.18 -17.14
CA ILE A 88 4.40 12.99 -17.07
C ILE A 88 5.30 12.02 -17.79
C ILE A 88 5.20 11.90 -17.80
N SER A 89 5.24 11.96 -19.12
CA SER A 89 5.82 10.86 -19.87
CA SER A 89 5.83 10.85 -19.87
C SER A 89 7.35 10.78 -19.74
N GLU A 90 7.98 11.85 -19.27
CA GLU A 90 9.45 11.85 -19.17
C GLU A 90 9.96 11.38 -17.82
N ILE A 91 9.06 11.08 -16.88
CA ILE A 91 9.45 10.43 -15.63
C ILE A 91 10.12 9.10 -15.96
N LEU A 92 11.20 8.78 -15.26
CA LEU A 92 11.90 7.53 -15.49
C LEU A 92 11.51 6.47 -14.48
N ILE A 93 11.20 5.28 -14.98
CA ILE A 93 11.06 4.10 -14.15
C ILE A 93 12.39 3.35 -14.26
N ALA A 94 13.28 3.61 -13.29
CA ALA A 94 14.65 3.10 -13.37
C ALA A 94 14.70 1.58 -13.34
N THR A 95 13.81 0.98 -12.56
CA THR A 95 13.82 -0.47 -12.42
C THR A 95 12.39 -1.01 -12.45
N PRO A 96 11.82 -1.13 -13.66
CA PRO A 96 10.51 -1.77 -13.77
C PRO A 96 10.59 -3.20 -13.26
N LEU A 97 9.52 -3.68 -12.65
CA LEU A 97 9.51 -5.01 -12.05
C LEU A 97 8.50 -5.94 -12.72
N GLN A 98 8.98 -7.04 -13.26
CA GLN A 98 8.10 -8.05 -13.85
C GLN A 98 7.66 -8.99 -12.76
N GLN A 99 6.34 -9.11 -12.56
CA GLN A 99 5.79 -9.84 -11.42
C GLN A 99 5.42 -11.26 -11.82
N VAL A 100 6.31 -12.20 -11.51
CA VAL A 100 6.19 -13.58 -11.97
C VAL A 100 5.57 -14.43 -10.85
N ALA A 101 4.46 -15.10 -11.17
CA ALA A 101 3.72 -15.86 -10.17
C ALA A 101 4.06 -17.35 -10.13
N SER A 102 3.92 -17.93 -8.94
CA SER A 102 4.04 -19.38 -8.73
C SER A 102 2.96 -19.85 -7.79
N GLY A 103 2.34 -20.98 -8.10
CA GLY A 103 1.33 -21.55 -7.21
C GLY A 103 0.07 -21.89 -7.96
N ARG A 104 -1.06 -21.61 -7.32
N ARG A 104 -1.08 -21.67 -7.33
CA ARG A 104 -2.37 -21.85 -7.91
CA ARG A 104 -2.36 -21.88 -7.99
C ARG A 104 -3.04 -20.51 -8.17
C ARG A 104 -3.12 -20.56 -8.05
N ALA A 105 -4.18 -20.53 -8.85
CA ALA A 105 -4.86 -19.28 -9.18
C ALA A 105 -5.24 -18.47 -7.96
N GLY A 106 -5.68 -19.15 -6.90
CA GLY A 106 -6.13 -18.48 -5.70
C GLY A 106 -5.14 -18.39 -4.55
N VAL A 107 -3.99 -19.06 -4.69
CA VAL A 107 -2.97 -19.08 -3.65
C VAL A 107 -1.62 -19.10 -4.35
N PHE A 108 -0.96 -17.95 -4.42
CA PHE A 108 0.29 -17.89 -5.16
C PHE A 108 1.24 -16.88 -4.55
N THR A 109 2.51 -17.02 -4.87
CA THR A 109 3.47 -15.97 -4.56
C THR A 109 3.92 -15.32 -5.85
N GLN A 110 4.50 -14.14 -5.74
CA GLN A 110 5.10 -13.50 -6.90
C GLN A 110 6.48 -13.01 -6.55
N TYR A 111 7.39 -13.13 -7.50
CA TYR A 111 8.70 -12.54 -7.30
C TYR A 111 8.88 -11.47 -8.35
N HIS A 112 9.79 -10.55 -8.06
CA HIS A 112 9.99 -9.41 -8.95
CA HIS A 112 9.99 -9.41 -8.95
C HIS A 112 11.29 -9.55 -9.73
N LYS A 113 11.16 -9.65 -11.04
CA LYS A 113 12.31 -9.74 -11.93
C LYS A 113 12.61 -8.34 -12.45
N LYS A 114 13.82 -7.85 -12.21
CA LYS A 114 14.17 -6.50 -12.65
C LYS A 114 14.29 -6.42 -14.18
N LYS A 115 13.74 -5.36 -14.75
CA LYS A 115 13.82 -5.12 -16.19
C LYS A 115 14.60 -3.84 -16.46
N LYS A 116 14.96 -3.62 -17.71
CA LYS A 116 15.67 -2.41 -18.11
C LYS A 116 14.80 -1.17 -17.92
N ALA A 117 15.46 -0.04 -17.65
CA ALA A 117 14.76 1.21 -17.40
C ALA A 117 13.89 1.62 -18.57
N MET A 118 12.79 2.30 -18.27
N MET A 118 12.74 2.23 -18.24
CA MET A 118 11.97 2.88 -19.31
CA MET A 118 11.80 2.80 -19.22
C MET A 118 11.25 4.12 -18.78
C MET A 118 11.32 4.17 -18.75
N THR A 119 10.91 5.03 -19.69
CA THR A 119 10.17 6.22 -19.31
C THR A 119 8.71 5.84 -19.07
N VAL A 120 7.97 6.72 -18.40
CA VAL A 120 6.55 6.51 -18.22
C VAL A 120 5.82 6.46 -19.58
N GLY A 121 6.28 7.24 -20.54
CA GLY A 121 5.72 7.18 -21.89
C GLY A 121 5.88 5.80 -22.50
N GLU A 122 7.07 5.23 -22.36
CA GLU A 122 7.32 3.89 -22.88
C GLU A 122 6.51 2.86 -22.13
N TYR A 123 6.42 3.02 -20.81
CA TYR A 123 5.66 2.11 -19.97
C TYR A 123 4.17 2.13 -20.33
N ARG A 124 3.63 3.31 -20.53
CA ARG A 124 2.22 3.46 -20.91
C ARG A 124 1.95 2.75 -22.24
N HIS A 125 2.83 2.93 -23.20
CA HIS A 125 2.71 2.24 -24.47
C HIS A 125 2.74 0.71 -24.30
N LEU A 126 3.63 0.24 -23.42
CA LEU A 126 3.71 -1.19 -23.15
C LEU A 126 2.42 -1.69 -22.49
N ALA A 127 1.92 -0.95 -21.52
CA ALA A 127 0.67 -1.29 -20.83
C ALA A 127 -0.49 -1.43 -21.81
N ASN A 128 -0.51 -0.59 -22.84
CA ASN A 128 -1.62 -0.58 -23.78
C ASN A 128 -1.43 -1.53 -24.96
N SER A 129 -0.30 -2.23 -25.00
CA SER A 129 -0.02 -3.16 -26.08
C SER A 129 -0.91 -4.38 -26.00
N LYS A 130 -1.05 -5.13 -27.08
CA LYS A 130 -1.92 -6.30 -27.05
C LYS A 130 -1.51 -7.31 -25.96
N LYS A 131 -0.22 -7.45 -25.71
CA LYS A 131 0.26 -8.42 -24.74
C LYS A 131 -0.21 -8.10 -23.32
N TYR A 132 -0.30 -6.81 -23.00
CA TYR A 132 -0.51 -6.39 -21.62
C TYR A 132 -1.81 -5.66 -21.34
N GLN A 133 -2.55 -5.28 -22.37
N GLN A 133 -2.55 -5.30 -22.38
CA GLN A 133 -3.73 -4.44 -22.19
CA GLN A 133 -3.72 -4.44 -22.19
C GLN A 133 -4.87 -5.17 -21.48
C GLN A 133 -4.90 -5.16 -21.53
N THR A 134 -5.68 -4.40 -20.78
CA THR A 134 -6.91 -4.89 -20.15
C THR A 134 -7.80 -5.58 -21.19
N PRO A 135 -8.28 -6.79 -20.87
CA PRO A 135 -9.17 -7.49 -21.81
C PRO A 135 -10.57 -6.86 -21.84
N PRO A 136 -11.32 -7.15 -22.90
CA PRO A 136 -12.74 -6.77 -22.91
C PRO A 136 -13.44 -7.33 -21.67
N HIS A 137 -14.33 -6.57 -21.07
CA HIS A 137 -15.00 -6.98 -19.85
C HIS A 137 -16.28 -6.18 -19.70
N GLN A 138 -17.23 -6.72 -18.94
CA GLN A 138 -18.54 -6.10 -18.79
C GLN A 138 -18.57 -4.99 -17.75
N ASN A 139 -17.86 -5.20 -16.64
CA ASN A 139 -17.88 -4.31 -15.49
C ASN A 139 -16.71 -4.65 -14.54
N PHE A 140 -16.65 -3.99 -13.39
CA PHE A 140 -15.56 -4.25 -12.44
C PHE A 140 -15.60 -5.70 -11.95
N GLU A 141 -16.79 -6.23 -11.72
CA GLU A 141 -16.93 -7.59 -11.19
C GLU A 141 -16.42 -8.64 -12.19
N ASP A 142 -16.73 -8.42 -13.46
CA ASP A 142 -16.26 -9.31 -14.52
C ASP A 142 -14.73 -9.26 -14.58
N LEU A 143 -14.17 -8.06 -14.48
CA LEU A 143 -12.74 -7.91 -14.54
C LEU A 143 -12.08 -8.57 -13.32
N GLU A 144 -12.70 -8.44 -12.15
CA GLU A 144 -12.21 -9.09 -10.95
C GLU A 144 -12.18 -10.61 -11.11
N ARG A 145 -13.23 -11.18 -11.70
N ARG A 145 -13.24 -11.17 -11.69
CA ARG A 145 -13.25 -12.61 -11.95
CA ARG A 145 -13.31 -12.60 -11.98
C ARG A 145 -12.12 -13.02 -12.88
C ARG A 145 -12.15 -13.03 -12.89
N LYS A 146 -11.92 -12.25 -13.95
CA LYS A 146 -10.84 -12.54 -14.89
C LYS A 146 -9.48 -12.43 -14.20
N TYR A 147 -9.31 -11.44 -13.34
CA TYR A 147 -8.04 -11.29 -12.62
C TYR A 147 -7.72 -12.55 -11.83
N TRP A 148 -8.65 -13.01 -10.99
CA TRP A 148 -8.32 -14.15 -10.13
C TRP A 148 -8.26 -15.46 -10.89
N LYS A 149 -8.97 -15.55 -12.01
CA LYS A 149 -8.90 -16.74 -12.84
CA LYS A 149 -8.90 -16.74 -12.84
C LYS A 149 -7.57 -16.85 -13.56
N ASN A 150 -7.07 -15.72 -14.05
CA ASN A 150 -5.98 -15.71 -15.03
C ASN A 150 -4.67 -15.05 -14.64
N ARG A 151 -4.63 -14.40 -13.48
CA ARG A 151 -3.44 -13.63 -13.08
C ARG A 151 -2.16 -14.44 -13.18
N ILE A 152 -2.16 -15.67 -12.69
CA ILE A 152 -0.89 -16.37 -12.57
C ILE A 152 -0.27 -16.72 -13.93
N TYR A 153 -1.07 -16.69 -14.99
CA TYR A 153 -0.59 -17.11 -16.30
C TYR A 153 0.06 -15.97 -17.09
N ASN A 154 0.19 -14.81 -16.44
CA ASN A 154 0.82 -13.65 -17.05
C ASN A 154 1.80 -13.03 -16.08
N SER A 155 2.72 -12.23 -16.61
CA SER A 155 3.70 -11.56 -15.77
C SER A 155 3.75 -10.08 -16.10
N PRO A 156 2.84 -9.30 -15.51
CA PRO A 156 2.76 -7.88 -15.80
C PRO A 156 3.96 -7.14 -15.22
N ILE A 157 4.22 -5.94 -15.73
CA ILE A 157 5.36 -5.16 -15.30
C ILE A 157 4.86 -3.94 -14.55
N TYR A 158 5.45 -3.69 -13.37
N TYR A 158 5.42 -3.64 -13.39
CA TYR A 158 5.06 -2.63 -12.42
CA TYR A 158 4.98 -2.43 -12.73
C TYR A 158 6.21 -1.61 -12.27
C TYR A 158 6.11 -1.62 -12.13
N GLY A 159 5.89 -0.32 -12.20
CA GLY A 159 6.87 0.66 -11.76
C GLY A 159 6.56 1.03 -10.33
N ALA A 160 7.28 0.48 -9.38
CA ALA A 160 6.93 0.66 -7.97
C ALA A 160 7.98 1.41 -7.19
N ASP A 161 7.55 2.04 -6.10
CA ASP A 161 8.45 2.65 -5.13
C ASP A 161 9.40 3.64 -5.78
N ILE A 162 8.87 4.49 -6.65
CA ILE A 162 9.64 5.54 -7.29
C ILE A 162 9.52 6.82 -6.45
N SER A 163 10.61 7.23 -5.80
N SER A 163 10.62 7.23 -5.85
CA SER A 163 10.55 8.43 -4.99
CA SER A 163 10.61 8.44 -5.03
C SER A 163 10.16 9.64 -5.84
C SER A 163 10.20 9.67 -5.84
N GLY A 164 9.15 10.37 -5.40
CA GLY A 164 8.69 11.53 -6.13
C GLY A 164 7.25 11.88 -5.81
N SER A 165 6.78 12.97 -6.41
CA SER A 165 5.41 13.42 -6.19
C SER A 165 4.87 14.07 -7.46
N LEU A 166 3.56 13.93 -7.67
CA LEU A 166 2.88 14.59 -8.77
C LEU A 166 1.90 15.65 -8.27
N PHE A 167 1.91 15.93 -6.97
CA PHE A 167 1.10 17.05 -6.48
C PHE A 167 1.75 18.37 -6.82
N ASP A 168 0.95 19.32 -7.30
CA ASP A 168 1.41 20.68 -7.52
C ASP A 168 1.84 21.27 -6.19
N GLU A 169 2.95 22.01 -6.16
CA GLU A 169 3.40 22.60 -4.90
C GLU A 169 2.36 23.58 -4.34
N ASN A 170 1.51 24.12 -5.21
CA ASN A 170 0.48 25.07 -4.78
C ASN A 170 -0.79 24.39 -4.27
N THR A 171 -0.86 23.07 -4.37
CA THR A 171 -1.98 22.33 -3.79
C THR A 171 -1.76 22.23 -2.29
N LYS A 172 -2.59 22.93 -1.52
CA LYS A 172 -2.34 23.04 -0.08
C LYS A 172 -3.08 22.00 0.73
N GLN A 173 -4.12 21.40 0.16
CA GLN A 173 -4.93 20.40 0.86
C GLN A 173 -4.58 18.99 0.42
N TRP A 174 -4.33 18.10 1.37
CA TRP A 174 -4.10 16.67 1.12
C TRP A 174 -3.00 16.46 0.06
N ASN A 175 -1.97 17.28 0.17
CA ASN A 175 -0.79 17.15 -0.66
C ASN A 175 0.13 16.14 0.00
N LEU A 176 0.30 14.97 -0.59
CA LEU A 176 1.01 13.88 0.07
C LEU A 176 2.51 14.14 0.25
N GLY A 177 3.03 15.19 -0.37
CA GLY A 177 4.41 15.60 -0.14
C GLY A 177 4.57 16.66 0.94
N HIS A 178 3.45 17.09 1.53
CA HIS A 178 3.45 18.15 2.54
C HIS A 178 2.85 17.72 3.86
N LEU A 179 2.79 16.42 4.12
CA LEU A 179 2.24 15.93 5.38
C LEU A 179 3.23 16.07 6.52
N GLY A 180 2.72 16.17 7.74
CA GLY A 180 3.57 16.07 8.91
C GLY A 180 4.32 14.74 8.93
N THR A 181 5.59 14.77 9.31
CA THR A 181 6.42 13.59 9.19
C THR A 181 6.22 12.63 10.36
N ILE A 182 6.51 11.36 10.15
CA ILE A 182 6.42 10.38 11.22
CA ILE A 182 6.36 10.42 11.24
C ILE A 182 7.43 10.68 12.32
N GLN A 183 8.59 11.19 11.92
CA GLN A 183 9.63 11.54 12.89
C GLN A 183 9.13 12.66 13.80
N ASP A 184 8.45 13.65 13.23
CA ASP A 184 7.92 14.71 14.07
C ASP A 184 6.76 14.22 14.95
N LEU A 185 5.96 13.28 14.45
CA LEU A 185 4.91 12.70 15.26
C LEU A 185 5.51 11.99 16.47
N LEU A 186 6.53 11.16 16.24
N LEU A 186 6.53 11.17 16.24
CA LEU A 186 7.17 10.46 17.36
CA LEU A 186 7.18 10.43 17.32
C LEU A 186 7.75 11.44 18.35
C LEU A 186 7.81 11.40 18.33
N GLU A 187 8.37 12.50 17.84
CA GLU A 187 8.94 13.51 18.71
C GLU A 187 7.87 14.21 19.54
N LYS A 188 6.76 14.57 18.91
CA LYS A 188 5.66 15.25 19.59
C LYS A 188 5.05 14.36 20.68
N GLU A 189 4.93 13.08 20.37
CA GLU A 189 4.26 12.16 21.30
C GLU A 189 5.14 11.63 22.40
N CYS A 190 6.41 11.38 22.08
N CYS A 190 6.40 11.34 22.12
CA CYS A 190 7.29 10.67 23.00
CA CYS A 190 7.25 10.71 23.14
C CYS A 190 8.50 11.48 23.43
C CYS A 190 8.50 11.50 23.47
N GLY A 191 8.68 12.66 22.84
CA GLY A 191 9.76 13.55 23.20
C GLY A 191 11.12 13.17 22.66
N VAL A 192 11.17 12.14 21.85
CA VAL A 192 12.42 11.64 21.27
CA VAL A 192 12.46 11.72 21.33
C VAL A 192 12.71 12.34 19.96
N VAL A 193 13.94 12.76 19.75
CA VAL A 193 14.32 13.35 18.48
C VAL A 193 15.11 12.30 17.70
N ILE A 194 14.71 12.06 16.46
CA ILE A 194 15.36 11.00 15.68
C ILE A 194 15.68 11.44 14.27
N GLU A 195 16.68 10.80 13.68
CA GLU A 195 17.00 10.96 12.28
C GLU A 195 15.93 10.32 11.41
N GLY A 196 15.96 10.62 10.12
CA GLY A 196 15.07 9.98 9.18
C GLY A 196 14.18 10.97 8.48
N VAL A 197 13.75 10.58 7.29
CA VAL A 197 12.84 11.38 6.49
C VAL A 197 11.77 10.46 5.95
N ASN A 198 10.78 11.08 5.31
N ASN A 198 10.64 11.01 5.55
CA ASN A 198 9.47 10.47 5.04
CA ASN A 198 9.73 10.20 4.79
C ASN A 198 8.86 11.10 3.76
C ASN A 198 9.07 11.07 3.77
N THR A 199 9.15 10.56 2.56
CA THR A 199 8.68 11.22 1.34
C THR A 199 7.81 10.28 0.50
N PRO A 200 7.02 10.83 -0.43
CA PRO A 200 6.09 9.96 -1.17
C PRO A 200 6.74 9.08 -2.24
N TYR A 201 6.00 8.06 -2.66
N TYR A 201 6.01 8.04 -2.62
CA TYR A 201 6.43 7.21 -3.75
CA TYR A 201 6.36 7.13 -3.70
C TYR A 201 5.37 7.15 -4.83
C TYR A 201 5.35 7.23 -4.84
N LEU A 202 5.82 7.05 -6.07
CA LEU A 202 4.95 6.91 -7.22
C LEU A 202 4.91 5.45 -7.65
N TYR A 203 3.75 5.05 -8.18
CA TYR A 203 3.51 3.69 -8.65
C TYR A 203 2.86 3.77 -10.02
N PHE A 204 3.49 3.15 -11.01
CA PHE A 204 2.89 3.07 -12.33
C PHE A 204 2.47 1.64 -12.57
N GLY A 205 1.18 1.42 -12.80
CA GLY A 205 0.66 0.07 -12.93
C GLY A 205 0.08 -0.21 -14.29
N MET A 206 -0.20 -1.48 -14.53
CA MET A 206 -0.89 -1.92 -15.74
C MET A 206 -1.83 -3.06 -15.33
N TRP A 207 -2.62 -3.55 -16.27
CA TRP A 207 -3.51 -4.67 -15.99
C TRP A 207 -2.75 -5.82 -15.30
N LYS A 208 -3.37 -6.32 -14.23
CA LYS A 208 -2.90 -7.46 -13.42
C LYS A 208 -1.72 -7.15 -12.52
N THR A 209 -1.15 -5.96 -12.57
CA THR A 209 -0.15 -5.56 -11.61
CA THR A 209 -0.10 -5.67 -11.60
C THR A 209 -0.73 -5.74 -10.20
N THR A 210 0.03 -6.32 -9.29
CA THR A 210 -0.49 -6.85 -8.05
C THR A 210 0.26 -6.35 -6.83
N PHE A 211 -0.46 -5.95 -5.78
CA PHE A 211 0.21 -5.76 -4.51
C PHE A 211 -0.22 -6.86 -3.54
N ALA A 212 0.79 -7.54 -3.00
CA ALA A 212 0.62 -8.69 -2.13
C ALA A 212 0.06 -8.29 -0.76
N TRP A 213 -0.47 -9.28 -0.04
CA TRP A 213 -0.98 -9.07 1.31
C TRP A 213 0.09 -8.52 2.25
N HIS A 214 -0.19 -7.37 2.86
CA HIS A 214 0.78 -6.78 3.79
C HIS A 214 0.11 -5.76 4.68
N THR A 215 0.75 -5.48 5.81
CA THR A 215 0.52 -4.22 6.51
C THR A 215 1.71 -3.30 6.23
N GLU A 216 1.62 -2.05 6.65
CA GLU A 216 2.73 -1.14 6.40
C GLU A 216 3.91 -1.41 7.32
N ASP A 217 5.08 -0.91 6.93
CA ASP A 217 6.25 -0.90 7.83
C ASP A 217 5.82 -0.38 9.18
N MET A 218 6.19 -1.09 10.25
N MET A 218 6.24 -1.03 10.27
CA MET A 218 5.91 -0.65 11.61
CA MET A 218 5.90 -0.62 11.64
C MET A 218 4.41 -0.48 11.84
C MET A 218 4.40 -0.51 11.88
N ASP A 219 3.60 -1.14 11.02
CA ASP A 219 2.13 -1.04 11.04
C ASP A 219 1.65 0.41 11.05
N LEU A 220 2.34 1.23 10.24
CA LEU A 220 1.96 2.62 10.01
C LEU A 220 0.65 2.74 9.23
N TYR A 221 0.09 3.94 9.18
CA TYR A 221 -0.94 4.23 8.18
C TYR A 221 -0.29 4.36 6.82
N SER A 222 -1.11 4.24 5.77
CA SER A 222 -0.70 4.73 4.47
CA SER A 222 -0.70 4.71 4.46
C SER A 222 -1.84 5.52 3.85
N ILE A 223 -1.48 6.43 2.95
CA ILE A 223 -2.48 7.13 2.16
C ILE A 223 -2.04 7.05 0.72
N ASN A 224 -3.00 6.79 -0.15
CA ASN A 224 -2.76 6.48 -1.55
C ASN A 224 -3.70 7.30 -2.40
N TYR A 225 -3.15 8.10 -3.30
CA TYR A 225 -3.95 8.89 -4.24
C TYR A 225 -3.79 8.33 -5.65
N LEU A 226 -4.91 8.01 -6.31
CA LEU A 226 -4.85 7.53 -7.68
C LEU A 226 -4.92 8.74 -8.61
N HIS A 227 -3.75 9.13 -9.13
CA HIS A 227 -3.65 10.36 -9.93
C HIS A 227 -4.37 10.28 -11.26
N LEU A 228 -4.21 9.14 -11.93
N LEU A 228 -4.23 9.15 -11.92
CA LEU A 228 -4.51 9.06 -13.36
CA LEU A 228 -4.75 9.03 -13.26
C LEU A 228 -4.70 7.62 -13.82
C LEU A 228 -4.91 7.59 -13.65
N GLY A 229 -5.67 7.39 -14.71
CA GLY A 229 -5.79 6.10 -15.36
C GLY A 229 -6.85 5.19 -14.81
N GLU A 230 -6.62 3.90 -14.99
CA GLU A 230 -7.61 2.88 -14.69
C GLU A 230 -7.64 2.55 -13.19
N PRO A 231 -8.73 1.93 -12.73
CA PRO A 231 -8.88 1.73 -11.28
C PRO A 231 -7.91 0.75 -10.62
N LYS A 232 -7.98 0.75 -9.30
CA LYS A 232 -7.23 -0.16 -8.45
CA LYS A 232 -7.26 -0.20 -8.47
C LYS A 232 -8.24 -0.84 -7.51
N THR A 233 -8.29 -2.17 -7.52
CA THR A 233 -9.17 -2.88 -6.58
C THR A 233 -8.38 -3.29 -5.34
N TRP A 234 -8.97 -3.03 -4.18
CA TRP A 234 -8.37 -3.32 -2.88
C TRP A 234 -9.13 -4.41 -2.12
N TYR A 235 -8.40 -5.25 -1.40
CA TYR A 235 -8.95 -6.17 -0.41
C TYR A 235 -8.34 -5.81 0.93
N VAL A 236 -9.10 -5.94 2.02
CA VAL A 236 -8.59 -5.53 3.33
C VAL A 236 -9.20 -6.38 4.44
N VAL A 237 -8.36 -6.74 5.41
CA VAL A 237 -8.80 -7.45 6.61
C VAL A 237 -8.83 -6.48 7.78
N PRO A 238 -9.94 -6.45 8.54
CA PRO A 238 -9.99 -5.56 9.72
C PRO A 238 -8.79 -5.78 10.64
N PRO A 239 -8.19 -4.70 11.14
CA PRO A 239 -7.06 -4.86 12.05
C PRO A 239 -7.35 -5.79 13.23
N GLU A 240 -8.57 -5.79 13.75
CA GLU A 240 -8.86 -6.66 14.90
C GLU A 240 -8.82 -8.14 14.52
N HIS A 241 -8.78 -8.44 13.22
CA HIS A 241 -8.73 -9.83 12.75
C HIS A 241 -7.48 -10.17 11.95
N GLY A 242 -6.47 -9.30 12.00
CA GLY A 242 -5.27 -9.53 11.23
C GLY A 242 -4.59 -10.86 11.52
N GLN A 243 -4.63 -11.29 12.78
CA GLN A 243 -3.96 -12.55 13.12
CA GLN A 243 -3.99 -12.56 13.16
C GLN A 243 -4.64 -13.76 12.47
N ARG A 244 -5.93 -13.63 12.15
CA ARG A 244 -6.61 -14.71 11.42
C ARG A 244 -6.01 -14.87 10.02
N LEU A 245 -5.72 -13.76 9.37
CA LEU A 245 -5.08 -13.83 8.06
C LEU A 245 -3.67 -14.43 8.19
N GLU A 246 -2.92 -14.01 9.20
CA GLU A 246 -1.58 -14.55 9.42
C GLU A 246 -1.60 -16.05 9.60
N ARG A 247 -2.54 -16.55 10.41
CA ARG A 247 -2.62 -17.99 10.65
CA ARG A 247 -2.67 -17.98 10.65
C ARG A 247 -2.93 -18.75 9.37
N LEU A 248 -3.86 -18.23 8.55
CA LEU A 248 -4.15 -18.88 7.27
C LEU A 248 -2.92 -18.82 6.36
N ALA A 249 -2.26 -17.68 6.31
CA ALA A 249 -1.07 -17.56 5.47
C ALA A 249 -0.01 -18.60 5.86
N ARG A 250 0.17 -18.83 7.15
N ARG A 250 0.18 -18.83 7.16
CA ARG A 250 1.14 -19.81 7.62
CA ARG A 250 1.17 -19.81 7.57
C ARG A 250 0.78 -21.22 7.15
C ARG A 250 0.78 -21.22 7.11
N GLU A 251 -0.51 -21.51 7.08
CA GLU A 251 -1.00 -22.80 6.60
C GLU A 251 -0.82 -22.92 5.08
N LEU A 252 -1.06 -21.83 4.36
CA LEU A 252 -1.05 -21.87 2.90
C LEU A 252 0.34 -21.77 2.29
N PHE A 253 1.28 -21.21 3.04
CA PHE A 253 2.66 -21.05 2.58
C PHE A 253 3.59 -21.61 3.64
N PRO A 254 3.57 -22.94 3.83
CA PRO A 254 4.24 -23.53 5.00
C PRO A 254 5.78 -23.38 4.98
N GLY A 255 6.41 -23.53 3.82
CA GLY A 255 7.85 -23.30 3.73
C GLY A 255 8.23 -21.88 4.07
N SER A 256 7.45 -20.92 3.56
CA SER A 256 7.72 -19.52 3.84
C SER A 256 7.61 -19.24 5.33
N SER A 257 6.59 -19.83 5.94
CA SER A 257 6.35 -19.65 7.37
C SER A 257 7.52 -20.19 8.20
N ARG A 258 8.06 -21.33 7.80
CA ARG A 258 9.19 -21.89 8.54
C ARG A 258 10.43 -20.99 8.42
N GLY A 259 10.54 -20.29 7.30
CA GLY A 259 11.69 -19.43 7.05
C GLY A 259 11.65 -18.11 7.82
N CYS A 260 10.45 -17.65 8.16
CA CYS A 260 10.29 -16.35 8.80
C CYS A 260 8.95 -16.21 9.50
N GLY A 261 8.99 -15.82 10.78
CA GLY A 261 7.79 -15.67 11.58
C GLY A 261 6.90 -14.51 11.16
N ALA A 262 7.42 -13.64 10.30
CA ALA A 262 6.65 -12.49 9.81
C ALA A 262 6.77 -12.40 8.29
N PHE A 263 6.61 -13.52 7.59
CA PHE A 263 6.96 -13.53 6.18
C PHE A 263 6.03 -12.70 5.29
N LEU A 264 4.86 -12.29 5.77
CA LEU A 264 4.04 -11.43 4.95
C LEU A 264 4.72 -10.07 4.71
N ARG A 265 5.67 -9.72 5.58
CA ARG A 265 6.46 -8.52 5.38
C ARG A 265 7.32 -8.58 4.13
N HIS A 266 7.49 -9.78 3.57
CA HIS A 266 8.23 -9.93 2.32
C HIS A 266 7.41 -9.40 1.14
N LYS A 267 6.11 -9.26 1.35
CA LYS A 267 5.19 -8.72 0.34
C LYS A 267 5.24 -9.53 -0.95
N VAL A 268 5.04 -10.84 -0.83
CA VAL A 268 5.03 -11.69 -2.00
C VAL A 268 3.84 -12.64 -2.06
N ALA A 269 3.00 -12.69 -1.03
CA ALA A 269 1.94 -13.72 -0.97
C ALA A 269 0.57 -13.19 -1.36
N LEU A 270 -0.13 -13.93 -2.22
CA LEU A 270 -1.50 -13.60 -2.61
C LEU A 270 -2.45 -14.73 -2.25
N ILE A 271 -3.61 -14.34 -1.75
CA ILE A 271 -4.71 -15.24 -1.43
C ILE A 271 -5.98 -14.60 -1.96
N SER A 272 -6.74 -15.34 -2.76
CA SER A 272 -7.94 -14.79 -3.41
C SER A 272 -9.11 -14.60 -2.45
N PRO A 273 -10.09 -13.75 -2.82
CA PRO A 273 -11.27 -13.62 -1.98
C PRO A 273 -12.02 -14.94 -1.83
N THR A 274 -12.02 -15.78 -2.86
CA THR A 274 -12.67 -17.08 -2.76
C THR A 274 -12.02 -17.94 -1.67
N VAL A 275 -10.69 -17.97 -1.64
CA VAL A 275 -9.99 -18.76 -0.64
C VAL A 275 -10.17 -18.14 0.76
N LEU A 276 -10.17 -16.81 0.85
CA LEU A 276 -10.44 -16.17 2.13
C LEU A 276 -11.83 -16.59 2.66
N LYS A 277 -12.83 -16.54 1.78
CA LYS A 277 -14.19 -16.92 2.16
CA LYS A 277 -14.18 -16.92 2.18
C LYS A 277 -14.25 -18.38 2.61
N GLU A 278 -13.57 -19.25 1.86
CA GLU A 278 -13.55 -20.68 2.18
C GLU A 278 -13.01 -20.94 3.57
N ASN A 279 -12.11 -20.07 4.02
CA ASN A 279 -11.46 -20.23 5.31
C ASN A 279 -11.99 -19.29 6.39
N GLY A 280 -13.10 -18.63 6.09
CA GLY A 280 -13.78 -17.79 7.07
C GLY A 280 -13.00 -16.57 7.50
N ILE A 281 -12.12 -16.06 6.66
CA ILE A 281 -11.36 -14.86 7.00
C ILE A 281 -12.21 -13.61 6.72
N PRO A 282 -12.43 -12.78 7.74
CA PRO A 282 -13.20 -11.56 7.48
C PRO A 282 -12.41 -10.58 6.61
N PHE A 283 -13.06 -10.07 5.56
CA PHE A 283 -12.41 -9.09 4.69
C PHE A 283 -13.46 -8.29 3.96
N ASN A 284 -13.02 -7.20 3.35
CA ASN A 284 -13.86 -6.40 2.49
C ASN A 284 -13.10 -6.02 1.22
N ARG A 285 -13.83 -5.53 0.23
CA ARG A 285 -13.20 -5.11 -1.01
C ARG A 285 -13.81 -3.81 -1.49
N ILE A 286 -13.04 -3.06 -2.25
CA ILE A 286 -13.54 -1.82 -2.84
C ILE A 286 -12.65 -1.45 -4.00
N THR A 287 -13.21 -0.75 -4.97
CA THR A 287 -12.42 -0.29 -6.10
C THR A 287 -12.23 1.22 -6.04
N GLN A 288 -10.97 1.63 -6.13
CA GLN A 288 -10.55 3.03 -6.13
C GLN A 288 -10.44 3.52 -7.56
N GLU A 289 -11.00 4.69 -7.84
CA GLU A 289 -10.91 5.27 -9.17
C GLU A 289 -10.06 6.54 -9.15
N ALA A 290 -9.65 6.99 -10.34
CA ALA A 290 -8.80 8.17 -10.43
C ALA A 290 -9.47 9.35 -9.74
N GLY A 291 -8.67 10.11 -8.99
CA GLY A 291 -9.17 11.25 -8.25
C GLY A 291 -9.59 10.93 -6.83
N GLU A 292 -9.41 9.68 -6.40
CA GLU A 292 -9.82 9.27 -5.06
C GLU A 292 -8.63 8.87 -4.20
N PHE A 293 -8.73 9.19 -2.91
CA PHE A 293 -7.78 8.76 -1.90
C PHE A 293 -8.25 7.49 -1.20
N MET A 294 -7.29 6.63 -0.84
CA MET A 294 -7.52 5.54 0.09
C MET A 294 -6.58 5.72 1.26
N VAL A 295 -7.08 5.48 2.47
CA VAL A 295 -6.23 5.43 3.65
C VAL A 295 -6.26 4.02 4.22
N THR A 296 -5.08 3.43 4.45
CA THR A 296 -5.03 2.20 5.23
C THR A 296 -4.63 2.54 6.65
N PHE A 297 -5.22 1.80 7.59
CA PHE A 297 -5.05 2.07 9.01
C PHE A 297 -4.08 1.06 9.62
N PRO A 298 -3.47 1.44 10.77
CA PRO A 298 -2.49 0.55 11.40
C PRO A 298 -2.95 -0.91 11.52
N TYR A 299 -2.11 -1.81 11.02
CA TYR A 299 -2.31 -3.26 11.07
C TYR A 299 -3.53 -3.70 10.24
N GLY A 300 -3.89 -2.91 9.24
CA GLY A 300 -4.91 -3.31 8.27
C GLY A 300 -4.27 -4.00 7.09
N TYR A 301 -4.30 -5.32 7.07
CA TYR A 301 -3.76 -6.08 5.93
C TYR A 301 -4.50 -5.74 4.66
N HIS A 302 -3.76 -5.50 3.57
CA HIS A 302 -4.41 -5.21 2.30
C HIS A 302 -3.62 -5.81 1.15
N ALA A 303 -4.33 -6.01 0.04
CA ALA A 303 -3.78 -6.54 -1.20
C ALA A 303 -4.64 -5.99 -2.32
N GLY A 304 -4.20 -6.14 -3.56
CA GLY A 304 -5.05 -5.71 -4.64
C GLY A 304 -4.38 -5.75 -6.01
N PHE A 305 -5.05 -5.14 -6.98
CA PHE A 305 -4.54 -5.19 -8.35
C PHE A 305 -5.02 -4.00 -9.15
N ASN A 306 -4.29 -3.69 -10.21
CA ASN A 306 -4.64 -2.59 -11.09
C ASN A 306 -5.41 -3.08 -12.32
N HIS A 307 -6.34 -2.25 -12.79
CA HIS A 307 -7.21 -2.62 -13.89
C HIS A 307 -6.59 -2.38 -15.26
N GLY A 308 -5.56 -1.55 -15.30
CA GLY A 308 -4.99 -1.07 -16.56
C GLY A 308 -3.97 0.00 -16.22
N PHE A 309 -3.47 0.69 -17.24
CA PHE A 309 -2.45 1.71 -16.98
C PHE A 309 -2.96 2.73 -15.97
N ASN A 310 -2.17 2.96 -14.93
CA ASN A 310 -2.48 4.03 -14.00
C ASN A 310 -1.24 4.52 -13.27
N CYS A 311 -1.45 5.58 -12.49
CA CYS A 311 -0.40 6.17 -11.68
C CYS A 311 -0.97 6.54 -10.34
N ALA A 312 -0.38 6.01 -9.28
CA ALA A 312 -0.75 6.34 -7.92
C ALA A 312 0.44 6.93 -7.16
N GLU A 313 0.14 7.66 -6.10
CA GLU A 313 1.14 8.21 -5.21
C GLU A 313 0.77 7.80 -3.80
N ALA A 314 1.73 7.35 -3.00
CA ALA A 314 1.42 6.92 -1.65
C ALA A 314 2.54 7.27 -0.69
N ILE A 315 2.19 7.40 0.59
CA ILE A 315 3.15 7.67 1.63
C ILE A 315 2.63 7.10 2.95
N ASN A 316 3.55 6.70 3.81
CA ASN A 316 3.18 6.34 5.17
C ASN A 316 3.04 7.56 6.06
N PHE A 317 2.17 7.48 7.05
CA PHE A 317 2.07 8.54 8.04
C PHE A 317 1.65 7.95 9.38
N ALA A 318 1.72 8.77 10.42
CA ALA A 318 1.41 8.35 11.77
C ALA A 318 0.48 9.35 12.43
N THR A 319 -0.20 8.88 13.47
CA THR A 319 -1.02 9.70 14.36
C THR A 319 -0.71 9.26 15.78
N PRO A 320 -1.20 9.98 16.80
CA PRO A 320 -0.96 9.48 18.15
C PRO A 320 -1.47 8.03 18.37
N ARG A 321 -2.57 7.66 17.72
CA ARG A 321 -3.10 6.32 17.91
C ARG A 321 -2.20 5.23 17.34
N TRP A 322 -1.34 5.60 16.38
CA TRP A 322 -0.42 4.61 15.81
C TRP A 322 0.62 4.11 16.80
N ILE A 323 1.02 4.93 17.76
CA ILE A 323 2.19 4.61 18.57
C ILE A 323 2.09 3.19 19.19
N ASP A 324 0.92 2.84 19.73
CA ASP A 324 0.75 1.50 20.32
C ASP A 324 0.95 0.40 19.28
N TYR A 325 0.51 0.63 18.06
CA TYR A 325 0.70 -0.36 17.00
C TYR A 325 2.19 -0.47 16.63
N GLY A 326 2.88 0.66 16.57
CA GLY A 326 4.30 0.64 16.28
C GLY A 326 5.07 -0.17 17.31
N LYS A 327 4.69 -0.03 18.58
CA LYS A 327 5.32 -0.76 19.67
C LYS A 327 5.13 -2.27 19.54
N MET A 328 4.02 -2.69 18.95
CA MET A 328 3.65 -4.10 18.88
C MET A 328 3.93 -4.75 17.55
N ALA A 329 4.38 -3.97 16.56
CA ALA A 329 4.51 -4.48 15.20
C ALA A 329 5.47 -5.65 15.12
N SER A 330 5.04 -6.71 14.45
N SER A 330 5.07 -6.72 14.45
CA SER A 330 5.92 -7.81 14.16
CA SER A 330 5.95 -7.89 14.28
C SER A 330 7.07 -7.34 13.30
C SER A 330 6.94 -7.65 13.15
N GLN A 331 8.20 -8.02 13.38
CA GLN A 331 9.28 -7.71 12.46
C GLN A 331 9.82 -8.92 11.75
N CYS A 332 10.23 -8.71 10.51
CA CYS A 332 11.02 -9.67 9.76
C CYS A 332 12.48 -9.46 10.09
N SER A 333 13.15 -10.52 10.54
CA SER A 333 14.57 -10.45 10.82
C SER A 333 15.36 -11.44 9.97
N CYS A 334 14.70 -12.05 8.98
CA CYS A 334 15.35 -13.10 8.19
C CYS A 334 16.16 -12.53 7.04
N GLY A 335 16.01 -11.23 6.78
CA GLY A 335 16.78 -10.57 5.75
C GLY A 335 16.05 -10.30 4.45
N GLU A 336 14.84 -10.82 4.29
CA GLU A 336 14.11 -10.65 3.03
CA GLU A 336 14.15 -10.63 3.02
C GLU A 336 13.37 -9.32 2.96
N ALA A 337 12.99 -8.78 4.10
N ALA A 337 12.96 -8.79 4.10
CA ALA A 337 12.22 -7.52 4.15
CA ALA A 337 12.21 -7.54 4.13
C ALA A 337 12.96 -6.36 3.48
C ALA A 337 13.14 -6.37 4.42
N ARG A 338 14.10 -5.98 4.06
N ARG A 338 14.06 -6.10 3.50
CA ARG A 338 14.95 -4.90 3.53
CA ARG A 338 14.92 -4.92 3.59
C ARG A 338 14.18 -3.59 3.34
C ARG A 338 14.07 -3.67 3.44
N VAL A 339 14.24 -2.72 4.36
CA VAL A 339 13.47 -1.49 4.33
C VAL A 339 14.33 -0.24 4.41
N THR A 340 13.66 0.91 4.40
CA THR A 340 14.32 2.20 4.42
C THR A 340 15.11 2.44 5.70
N PHE A 341 16.17 3.24 5.65
N PHE A 341 16.15 3.23 5.51
CA PHE A 341 16.89 3.44 6.91
CA PHE A 341 16.96 3.85 6.55
C PHE A 341 16.06 4.28 7.90
C PHE A 341 16.15 4.35 7.73
N SER A 342 14.99 4.90 7.41
N SER A 342 15.01 4.97 7.45
CA SER A 342 14.08 5.63 8.27
CA SER A 342 14.24 5.65 8.46
C SER A 342 13.47 4.73 9.34
C SER A 342 13.49 4.71 9.41
N MET A 343 13.30 3.45 9.02
CA MET A 343 12.69 2.51 9.95
C MET A 343 13.61 2.16 11.12
N ASP A 344 14.92 2.35 10.96
CA ASP A 344 15.87 2.05 12.03
C ASP A 344 15.47 2.71 13.35
N ALA A 345 15.24 4.01 13.31
CA ALA A 345 14.92 4.77 14.51
C ALA A 345 13.61 4.30 15.12
N PHE A 346 12.65 3.92 14.28
N PHE A 346 12.66 3.87 14.30
CA PHE A 346 11.36 3.44 14.78
CA PHE A 346 11.38 3.46 14.86
C PHE A 346 11.57 2.20 15.64
C PHE A 346 11.48 2.14 15.61
N VAL A 347 12.32 1.23 15.12
CA VAL A 347 12.57 -0.02 15.84
C VAL A 347 13.43 0.27 17.07
N ARG A 348 14.45 1.10 16.90
CA ARG A 348 15.38 1.44 17.98
C ARG A 348 14.67 2.04 19.19
N ILE A 349 13.74 2.95 18.94
CA ILE A 349 13.05 3.63 20.03
C ILE A 349 11.83 2.85 20.52
N LEU A 350 11.01 2.34 19.61
CA LEU A 350 9.77 1.69 20.04
C LEU A 350 9.94 0.22 20.42
N GLN A 351 10.97 -0.43 19.88
N GLN A 351 10.94 -0.45 19.85
CA GLN A 351 11.18 -1.87 20.10
CA GLN A 351 11.15 -1.87 20.16
C GLN A 351 12.63 -2.20 20.44
C GLN A 351 12.63 -2.17 20.42
N PRO A 352 13.19 -1.56 21.48
CA PRO A 352 14.60 -1.77 21.78
C PRO A 352 14.99 -3.24 21.99
N GLU A 353 14.11 -4.08 22.53
CA GLU A 353 14.46 -5.50 22.71
CA GLU A 353 14.48 -5.49 22.70
C GLU A 353 14.65 -6.21 21.37
N ARG A 354 13.91 -5.77 20.36
CA ARG A 354 13.96 -6.43 19.06
C ARG A 354 15.01 -5.85 18.13
N TYR A 355 15.56 -4.71 18.52
CA TYR A 355 16.40 -3.92 17.62
C TYR A 355 17.63 -4.67 17.10
N ASP A 356 18.38 -5.29 18.00
CA ASP A 356 19.60 -6.01 17.61
C ASP A 356 19.31 -7.09 16.57
N LEU A 357 18.32 -7.94 16.84
CA LEU A 357 17.96 -9.01 15.92
C LEU A 357 17.48 -8.47 14.58
N TRP A 358 16.66 -7.42 14.61
CA TRP A 358 16.15 -6.82 13.38
C TRP A 358 17.27 -6.19 12.56
N LYS A 359 18.18 -5.48 13.23
CA LYS A 359 19.27 -4.83 12.52
C LYS A 359 20.19 -5.84 11.86
N ARG A 360 20.37 -6.99 12.49
CA ARG A 360 21.15 -8.08 11.89
C ARG A 360 20.50 -8.51 10.59
N GLY A 361 19.18 -8.48 10.54
CA GLY A 361 18.45 -8.83 9.34
C GLY A 361 18.57 -7.79 8.23
N GLN A 362 18.84 -6.55 8.62
CA GLN A 362 18.95 -5.46 7.65
C GLN A 362 20.36 -5.40 7.05
N ASP A 363 21.32 -6.05 7.71
CA ASP A 363 22.70 -6.03 7.26
C ASP A 363 23.23 -7.43 7.02
ZN ZN B . 11.50 -12.48 6.82
NI NI C . 0.32 -0.76 1.58
C1 OGA D . -0.50 1.38 -0.07
C2 OGA D . -0.15 0.28 -0.97
C4 OGA D . 0.40 -0.47 -3.21
C5 OGA D . 0.12 -0.10 -4.65
O1 OGA D . -0.44 1.14 1.15
O2 OGA D . -0.84 2.49 -0.54
O2' OGA D . 0.03 -0.83 -0.49
O3 OGA D . 0.66 -0.79 -5.55
N1 OGA D . -0.04 0.54 -2.28
O4 OGA D . -0.65 0.87 -4.88
C1 EDO E . -1.53 18.82 4.70
O1 EDO E . -2.26 20.01 4.95
C2 EDO E . -0.68 18.95 3.44
O2 EDO E . -1.51 19.24 2.30
C1 EDO F . -15.66 -14.64 -3.86
O1 EDO F . -15.84 -13.70 -2.79
C2 EDO F . -15.92 -13.95 -5.19
O2 EDO F . -14.93 -12.93 -5.40
C1 EDO G . 5.42 14.52 -21.47
O1 EDO G . 4.07 14.07 -21.35
C2 EDO G . 5.71 14.85 -22.93
O2 EDO G . 7.05 14.44 -23.23
C1 EDO H . -14.54 -5.22 -6.41
O1 EDO H . -14.43 -3.88 -5.89
C2 EDO H . -14.88 -5.21 -7.89
O2 EDO H . -16.07 -4.43 -8.08
C1 EDO I . -8.22 15.99 -8.76
O1 EDO I . -9.65 15.93 -8.84
C2 EDO I . -7.65 16.29 -10.14
O2 EDO I . -6.22 16.37 -10.05
C1 EDO J . 3.46 -21.03 -3.76
O1 EDO J . 3.80 -21.33 -2.39
C2 EDO J . 4.73 -21.05 -4.60
O2 EDO J . 5.64 -20.12 -4.03
C1 EDO K . 2.86 3.45 0.91
O1 EDO K . 2.72 2.44 -0.10
C2 EDO K . 4.28 3.98 0.88
O2 EDO K . 5.15 2.93 1.28
S SO4 L . 0.12 5.13 -26.05
O1 SO4 L . -0.42 3.84 -25.65
O2 SO4 L . -0.61 5.61 -27.20
O3 SO4 L . 1.53 4.98 -26.38
O4 SO4 L . -0.02 6.07 -24.94
S SO4 M . 0.82 20.87 -15.38
O1 SO4 M . -0.12 20.78 -16.49
O2 SO4 M . 0.12 20.55 -14.14
O3 SO4 M . 1.92 19.92 -15.58
O4 SO4 M . 1.37 22.21 -15.30
S SO4 N . -12.65 -15.64 -19.23
O1 SO4 N . -12.93 -16.89 -18.51
O2 SO4 N . -13.01 -15.82 -20.63
O3 SO4 N . -11.24 -15.32 -19.12
O4 SO4 N . -13.45 -14.56 -18.64
S SO4 O . -7.20 -12.04 -19.09
O1 SO4 O . -7.81 -11.95 -17.77
O2 SO4 O . -8.23 -12.21 -20.11
O3 SO4 O . -6.28 -13.17 -19.13
O4 SO4 O . -6.45 -10.82 -19.37
BR01 ES3 P . 2.69 -14.67 8.90
C02 ES3 P . 3.02 -12.90 9.40
C03 ES3 P . 3.51 -11.95 8.59
N04 ES3 P . 3.60 -10.81 9.32
C05 ES3 P . 3.18 -11.09 10.57
N06 ES3 P . 2.82 -12.35 10.64
#